data_5VXK
#
_entry.id   5VXK
#
_cell.length_a   56.641
_cell.length_b   107.913
_cell.length_c   174.319
_cell.angle_alpha   90.000
_cell.angle_beta   90.000
_cell.angle_gamma   90.000
#
_symmetry.space_group_name_H-M   'I 2 2 2'
#
loop_
_entity.id
_entity.type
_entity.pdbx_description
1 polymer 'single-domain antibody JMK-H2'
2 polymer 'Invasin IpaD'
3 water water
#
loop_
_entity_poly.entity_id
_entity_poly.type
_entity_poly.pdbx_seq_one_letter_code
_entity_poly.pdbx_strand_id
1 'polypeptide(L)'
;GSTQLQLVESGGGLVQPGGSLRLSCAASGFTLDDQPIAWFRQAPGKEREGVSCISIDGNTQSYSDSVKGRFTISRDTANN
RVHLQMNNLKPEDTAVYYCAADRYTSVRQMCTMIEGLHRVWGQGTQVTVSSEPKTPKPQPRQGAPVPYPDPLEPR
;
B
2 'polypeptide(L)'
;GSTGSHPVSSLTMLNDTLHNIRTTNQALKKELSQKTLTKTSLEEIALHSSQISMDVNKSAQLLDILSRNEYPINKDAREL
LHSAPKEAELDGDQMISHRELWAKIANSINDINEQYLKVYEHAVSSYTQMYQDFSAVLSSLAGWISPGGNDGNSVKLQVN
SLKKALEELKEKYKDKPLYPANNTVSQEQANKWLTELGGTIGKVSQKNGGYVVSINMTPIDNMLKSLDNLGGNGEVVLDN
AKYQAWNAGFSAEDETMKNNLQTLVQKYSNANSIFDNLVKVLSSTISSS
;
A
#
# COMPACT_ATOMS: atom_id res chain seq x y z
N LEU A 5 15.33 -30.04 7.37
CA LEU A 5 14.18 -29.22 7.04
C LEU A 5 12.89 -30.01 7.23
N GLN A 6 12.04 -29.57 8.15
CA GLN A 6 10.93 -30.39 8.63
C GLN A 6 9.68 -29.55 8.75
N LEU A 7 8.61 -29.98 8.10
CA LEU A 7 7.26 -29.50 8.38
C LEU A 7 6.59 -30.46 9.36
N VAL A 8 5.74 -29.92 10.22
CA VAL A 8 5.31 -30.64 11.41
C VAL A 8 3.97 -30.14 11.89
N GLU A 9 2.97 -31.02 11.92
CA GLU A 9 1.62 -30.66 12.32
C GLU A 9 1.32 -31.16 13.73
N SER A 10 0.39 -30.48 14.39
CA SER A 10 -0.05 -30.86 15.73
C SER A 10 -1.51 -30.46 15.89
N GLY A 11 -2.06 -30.74 17.07
CA GLY A 11 -3.42 -30.35 17.40
C GLY A 11 -4.51 -31.30 16.97
N GLY A 12 -4.15 -32.46 16.43
CA GLY A 12 -5.14 -33.45 16.04
C GLY A 12 -5.81 -34.07 17.26
N GLY A 13 -6.55 -35.14 17.00
CA GLY A 13 -7.17 -35.91 18.05
C GLY A 13 -8.60 -36.29 17.69
N LEU A 14 -9.30 -36.80 18.69
CA LEU A 14 -10.65 -37.34 18.53
C LEU A 14 -11.66 -36.35 19.11
N VAL A 15 -12.58 -35.88 18.28
CA VAL A 15 -13.66 -35.01 18.69
C VAL A 15 -14.96 -35.54 18.11
N GLN A 16 -16.08 -35.05 18.62
CA GLN A 16 -17.41 -35.45 18.17
C GLN A 16 -18.07 -34.35 17.36
N PRO A 17 -19.15 -34.66 16.64
CA PRO A 17 -19.81 -33.66 15.81
C PRO A 17 -20.08 -32.37 16.58
N GLY A 18 -20.10 -31.26 15.84
CA GLY A 18 -20.26 -29.94 16.43
C GLY A 18 -19.04 -29.44 17.17
N GLY A 19 -18.04 -30.27 17.41
CA GLY A 19 -16.88 -29.87 18.17
C GLY A 19 -15.92 -29.02 17.36
N SER A 20 -14.76 -28.78 17.96
CA SER A 20 -13.75 -27.91 17.38
C SER A 20 -12.36 -28.50 17.59
N LEU A 21 -11.47 -28.17 16.67
CA LEU A 21 -10.05 -28.43 16.81
C LEU A 21 -9.28 -27.26 16.23
N ARG A 22 -8.06 -27.07 16.72
CA ARG A 22 -7.16 -26.02 16.21
C ARG A 22 -5.85 -26.70 15.83
N LEU A 23 -5.69 -26.98 14.54
CA LEU A 23 -4.43 -27.56 14.07
C LEU A 23 -3.35 -26.48 14.02
N SER A 24 -2.11 -26.93 14.16
CA SER A 24 -0.96 -26.05 14.09
C SER A 24 0.09 -26.65 13.18
N CYS A 25 0.69 -25.82 12.34
CA CYS A 25 1.80 -26.18 11.48
C CYS A 25 3.02 -25.43 12.00
N ALA A 26 4.06 -26.17 12.36
CA ALA A 26 5.33 -25.60 12.79
C ALA A 26 6.45 -26.22 11.97
N ALA A 27 7.65 -25.65 12.11
CA ALA A 27 8.76 -26.05 11.26
C ALA A 27 10.07 -25.92 12.01
N SER A 28 11.06 -26.67 11.53
CA SER A 28 12.45 -26.56 11.98
C SER A 28 13.34 -26.28 10.78
N GLY A 29 14.26 -25.33 10.94
CA GLY A 29 15.13 -24.94 9.85
C GLY A 29 14.35 -24.56 8.60
N PHE A 30 13.36 -23.69 8.78
CA PHE A 30 12.40 -23.38 7.74
C PHE A 30 11.41 -22.35 8.26
N THR A 31 11.25 -21.23 7.56
CA THR A 31 10.32 -20.19 7.97
C THR A 31 9.08 -20.27 7.08
N LEU A 32 7.94 -20.58 7.71
CA LEU A 32 6.70 -20.71 6.95
C LEU A 32 6.31 -19.42 6.26
N ASP A 33 6.91 -18.30 6.64
CA ASP A 33 6.55 -17.01 6.07
C ASP A 33 7.09 -16.81 4.67
N ASP A 34 8.07 -17.62 4.24
CA ASP A 34 8.75 -17.38 2.98
C ASP A 34 7.94 -17.79 1.75
N GLN A 35 6.80 -18.46 1.92
CA GLN A 35 6.03 -18.94 0.78
C GLN A 35 4.62 -19.26 1.24
N PRO A 36 3.67 -19.39 0.32
CA PRO A 36 2.31 -19.79 0.72
C PRO A 36 2.30 -21.12 1.44
N ILE A 37 1.27 -21.32 2.26
CA ILE A 37 1.10 -22.53 3.05
C ILE A 37 -0.33 -23.02 2.87
N ALA A 38 -0.49 -24.33 2.70
CA ALA A 38 -1.79 -24.94 2.47
C ALA A 38 -2.00 -26.13 3.40
N TRP A 39 -3.25 -26.42 3.69
CA TRP A 39 -3.65 -27.61 4.44
C TRP A 39 -4.37 -28.57 3.50
N PHE A 40 -3.88 -29.81 3.46
CA PHE A 40 -4.54 -30.89 2.74
C PHE A 40 -5.04 -31.93 3.74
N ARG A 41 -6.01 -32.73 3.29
CA ARG A 41 -6.54 -33.82 4.11
C ARG A 41 -6.85 -35.00 3.20
N GLN A 42 -6.77 -36.19 3.76
CA GLN A 42 -7.01 -37.42 3.00
C GLN A 42 -7.72 -38.44 3.89
N ALA A 43 -8.94 -38.78 3.51
CA ALA A 43 -9.67 -39.84 4.21
C ALA A 43 -9.02 -41.18 3.91
N PRO A 44 -9.33 -42.21 4.70
CA PRO A 44 -8.53 -43.45 4.65
C PRO A 44 -8.35 -44.06 3.26
N GLY A 45 -9.38 -44.03 2.41
CA GLY A 45 -9.28 -44.66 1.11
C GLY A 45 -9.68 -43.76 -0.04
N LYS A 46 -9.62 -42.45 0.18
CA LYS A 46 -10.05 -41.47 -0.81
C LYS A 46 -8.87 -40.61 -1.25
N GLU A 47 -9.11 -39.79 -2.26
CA GLU A 47 -8.06 -38.96 -2.83
C GLU A 47 -7.71 -37.80 -1.91
N ARG A 48 -6.42 -37.45 -1.87
CA ARG A 48 -5.99 -36.29 -1.11
C ARG A 48 -6.55 -35.02 -1.73
N GLU A 49 -7.11 -34.16 -0.89
CA GLU A 49 -7.74 -32.93 -1.34
C GLU A 49 -7.22 -31.75 -0.53
N GLY A 50 -7.39 -30.56 -1.09
CA GLY A 50 -6.99 -29.34 -0.42
C GLY A 50 -8.10 -28.81 0.47
N VAL A 51 -7.69 -28.22 1.60
CA VAL A 51 -8.62 -27.70 2.60
C VAL A 51 -8.63 -26.18 2.61
N SER A 52 -7.46 -25.56 2.79
CA SER A 52 -7.37 -24.11 2.79
C SER A 52 -5.92 -23.72 2.50
N CYS A 53 -5.72 -22.43 2.22
CA CYS A 53 -4.37 -21.90 2.03
C CYS A 53 -4.34 -20.45 2.46
N ILE A 54 -3.13 -19.98 2.77
CA ILE A 54 -2.90 -18.62 3.21
C ILE A 54 -1.66 -18.08 2.48
N SER A 55 -1.72 -16.80 2.11
CA SER A 55 -0.67 -16.20 1.33
C SER A 55 0.54 -15.85 2.20
N ILE A 56 1.62 -15.42 1.54
CA ILE A 56 2.83 -15.04 2.26
C ILE A 56 2.54 -13.90 3.23
N ASP A 57 1.83 -12.87 2.77
CA ASP A 57 1.52 -11.73 3.62
C ASP A 57 0.39 -12.00 4.59
N GLY A 58 -0.29 -13.14 4.48
CA GLY A 58 -1.35 -13.50 5.39
C GLY A 58 -2.69 -12.86 5.14
N ASN A 59 -2.77 -11.86 4.26
CA ASN A 59 -4.01 -11.14 4.02
C ASN A 59 -4.95 -11.85 3.05
N THR A 60 -4.54 -12.98 2.48
CA THR A 60 -5.36 -13.73 1.54
C THR A 60 -5.50 -15.16 2.04
N GLN A 61 -6.74 -15.63 2.14
CA GLN A 61 -7.03 -17.00 2.55
C GLN A 61 -8.06 -17.59 1.59
N SER A 62 -7.88 -18.88 1.28
CA SER A 62 -8.84 -19.63 0.48
C SER A 62 -9.21 -20.90 1.22
N TYR A 63 -10.41 -21.40 0.96
CA TYR A 63 -10.89 -22.62 1.57
C TYR A 63 -11.66 -23.43 0.54
N SER A 64 -11.54 -24.74 0.63
CA SER A 64 -12.32 -25.61 -0.25
C SER A 64 -13.81 -25.37 -0.04
N ASP A 65 -14.61 -25.84 -1.01
CA ASP A 65 -16.05 -25.61 -0.96
C ASP A 65 -16.67 -26.26 0.27
N SER A 66 -16.23 -27.47 0.62
CA SER A 66 -16.84 -28.23 1.71
C SER A 66 -16.26 -27.83 3.06
N VAL A 67 -15.82 -26.58 3.19
CA VAL A 67 -15.10 -26.15 4.39
C VAL A 67 -15.35 -24.68 4.67
N LYS A 68 -15.70 -23.91 3.65
CA LYS A 68 -15.92 -22.47 3.82
C LYS A 68 -16.86 -22.19 4.98
N GLY A 69 -16.61 -21.08 5.66
CA GLY A 69 -17.45 -20.64 6.76
C GLY A 69 -17.08 -21.29 8.09
N ARG A 70 -16.76 -22.57 8.06
CA ARG A 70 -16.44 -23.32 9.28
C ARG A 70 -14.99 -23.16 9.69
N PHE A 71 -14.06 -23.26 8.75
CA PHE A 71 -12.64 -23.24 9.05
C PHE A 71 -12.08 -21.83 8.89
N THR A 72 -10.91 -21.61 9.49
CA THR A 72 -10.20 -20.35 9.39
C THR A 72 -8.70 -20.62 9.45
N ILE A 73 -7.96 -20.08 8.49
CA ILE A 73 -6.51 -20.23 8.45
C ILE A 73 -5.89 -18.87 8.77
N SER A 74 -4.79 -18.90 9.52
CA SER A 74 -4.09 -17.69 9.91
C SER A 74 -2.61 -18.01 10.08
N ARG A 75 -1.80 -16.95 10.11
CA ARG A 75 -0.36 -17.08 10.32
C ARG A 75 0.01 -16.53 11.68
N ASP A 76 0.95 -17.22 12.34
CA ASP A 76 1.55 -16.75 13.60
C ASP A 76 3.02 -16.53 13.32
N THR A 77 3.34 -15.42 12.66
CA THR A 77 4.73 -15.14 12.29
C THR A 77 5.61 -14.96 13.52
N ALA A 78 5.03 -14.52 14.64
CA ALA A 78 5.80 -14.38 15.87
C ALA A 78 6.53 -15.69 16.21
N ASN A 79 5.76 -16.78 16.31
CA ASN A 79 6.31 -18.09 16.63
C ASN A 79 6.52 -18.96 15.40
N ASN A 80 6.42 -18.40 14.20
CA ASN A 80 6.64 -19.13 12.96
C ASN A 80 5.72 -20.35 12.89
N ARG A 81 4.41 -20.08 12.85
CA ARG A 81 3.42 -21.14 12.83
C ARG A 81 2.23 -20.73 11.98
N VAL A 82 1.54 -21.73 11.44
CA VAL A 82 0.27 -21.55 10.76
C VAL A 82 -0.78 -22.39 11.48
N HIS A 83 -1.94 -21.79 11.72
CA HIS A 83 -3.04 -22.45 12.42
C HIS A 83 -4.21 -22.68 11.48
N LEU A 84 -4.96 -23.75 11.74
CA LEU A 84 -6.22 -24.02 11.06
C LEU A 84 -7.29 -24.24 12.11
N GLN A 85 -8.17 -23.25 12.28
CA GLN A 85 -9.24 -23.31 13.26
C GLN A 85 -10.44 -23.99 12.62
N MET A 86 -10.68 -25.25 12.99
CA MET A 86 -11.77 -26.04 12.46
C MET A 86 -12.93 -26.04 13.44
N ASN A 87 -14.05 -25.46 13.04
CA ASN A 87 -15.24 -25.36 13.88
C ASN A 87 -16.39 -26.15 13.28
N ASN A 88 -17.35 -26.48 14.13
CA ASN A 88 -18.52 -27.27 13.74
C ASN A 88 -18.10 -28.47 12.89
N LEU A 89 -17.20 -29.27 13.45
CA LEU A 89 -16.62 -30.39 12.71
C LEU A 89 -17.69 -31.42 12.42
N LYS A 90 -18.06 -31.55 11.15
CA LYS A 90 -19.02 -32.56 10.73
C LYS A 90 -18.29 -33.89 10.51
N PRO A 91 -19.01 -35.01 10.64
CA PRO A 91 -18.32 -36.32 10.60
C PRO A 91 -17.51 -36.57 9.35
N GLU A 92 -17.83 -35.92 8.23
CA GLU A 92 -17.13 -36.17 6.98
C GLU A 92 -15.64 -35.84 7.10
N ASP A 93 -15.29 -34.91 7.98
CA ASP A 93 -13.94 -34.36 8.04
C ASP A 93 -12.90 -35.34 8.58
N THR A 94 -13.26 -36.58 8.89
CA THR A 94 -12.29 -37.54 9.37
C THR A 94 -11.24 -37.80 8.30
N ALA A 95 -9.98 -37.51 8.61
CA ALA A 95 -8.89 -37.65 7.65
C ALA A 95 -7.58 -37.29 8.32
N VAL A 96 -6.49 -37.68 7.67
CA VAL A 96 -5.16 -37.22 8.04
C VAL A 96 -4.95 -35.85 7.41
N TYR A 97 -4.62 -34.86 8.24
CA TYR A 97 -4.42 -33.49 7.78
C TYR A 97 -2.93 -33.19 7.67
N TYR A 98 -2.52 -32.66 6.52
CA TYR A 98 -1.14 -32.27 6.27
C TYR A 98 -1.09 -30.77 6.00
N CYS A 99 -0.04 -30.11 6.47
CA CYS A 99 0.30 -28.77 6.02
C CYS A 99 1.50 -28.87 5.09
N ALA A 100 1.45 -28.12 4.00
CA ALA A 100 2.47 -28.17 2.97
C ALA A 100 2.90 -26.76 2.59
N ALA A 101 4.08 -26.66 1.99
CA ALA A 101 4.64 -25.38 1.56
C ALA A 101 4.85 -25.42 0.06
N ASP A 102 4.32 -24.40 -0.62
CA ASP A 102 4.54 -24.22 -2.06
C ASP A 102 5.74 -23.30 -2.24
N ARG A 103 6.90 -23.90 -2.54
CA ARG A 103 8.13 -23.14 -2.69
C ARG A 103 8.27 -22.49 -4.06
N TYR A 104 7.45 -22.86 -5.03
CA TYR A 104 7.52 -22.23 -6.35
C TYR A 104 6.99 -20.81 -6.30
N THR A 105 5.80 -20.62 -5.73
CA THR A 105 5.16 -19.32 -5.73
C THR A 105 5.98 -18.30 -4.95
N SER A 106 6.01 -17.07 -5.46
CA SER A 106 6.68 -15.97 -4.78
C SER A 106 5.85 -14.70 -4.72
N VAL A 107 4.78 -14.58 -5.52
CA VAL A 107 3.82 -13.50 -5.32
C VAL A 107 3.26 -13.61 -3.90
N ARG A 108 3.19 -12.49 -3.21
CA ARG A 108 2.93 -12.48 -1.78
C ARG A 108 1.45 -12.43 -1.40
N GLN A 109 0.56 -12.13 -2.35
CA GLN A 109 -0.86 -12.01 -2.06
C GLN A 109 -1.67 -13.25 -2.44
N MET A 110 -1.04 -14.26 -3.04
CA MET A 110 -1.77 -15.40 -3.57
C MET A 110 -1.48 -16.65 -2.76
N CYS A 111 -2.34 -17.65 -2.93
CA CYS A 111 -2.08 -18.99 -2.45
C CYS A 111 -2.99 -19.95 -3.21
N THR A 112 -2.49 -21.15 -3.44
CA THR A 112 -3.23 -22.19 -4.15
C THR A 112 -3.37 -23.41 -3.26
N MET A 113 -4.29 -24.29 -3.66
CA MET A 113 -4.42 -25.62 -3.06
C MET A 113 -4.03 -26.71 -4.06
N ILE A 114 -3.23 -26.36 -5.06
CA ILE A 114 -2.74 -27.32 -6.04
C ILE A 114 -1.64 -28.16 -5.40
N GLU A 115 -1.87 -29.47 -5.31
CA GLU A 115 -0.92 -30.34 -4.62
C GLU A 115 0.43 -30.36 -5.33
N GLY A 116 0.41 -30.30 -6.67
CA GLY A 116 1.65 -30.42 -7.42
C GLY A 116 2.65 -29.32 -7.11
N LEU A 117 2.17 -28.15 -6.68
CA LEU A 117 3.06 -27.04 -6.38
C LEU A 117 3.70 -27.16 -4.99
N HIS A 118 3.18 -28.03 -4.13
CA HIS A 118 3.69 -28.19 -2.77
C HIS A 118 4.63 -29.40 -2.73
N ARG A 119 5.89 -29.15 -2.34
CA ARG A 119 6.91 -30.18 -2.32
C ARG A 119 7.57 -30.33 -0.95
N VAL A 120 7.16 -29.56 0.05
CA VAL A 120 7.59 -29.72 1.43
C VAL A 120 6.36 -30.10 2.25
N TRP A 121 6.37 -31.30 2.81
CA TRP A 121 5.19 -31.87 3.45
C TRP A 121 5.52 -32.31 4.87
N GLY A 122 4.52 -32.19 5.75
CA GLY A 122 4.61 -32.70 7.10
C GLY A 122 4.16 -34.15 7.19
N GLN A 123 4.30 -34.71 8.39
CA GLN A 123 3.93 -36.11 8.59
C GLN A 123 2.43 -36.30 8.61
N GLY A 124 1.69 -35.35 9.17
CA GLY A 124 0.25 -35.45 9.24
C GLY A 124 -0.22 -35.73 10.66
N THR A 125 -1.46 -35.31 10.94
CA THR A 125 -2.10 -35.56 12.22
C THR A 125 -3.51 -36.06 11.97
N GLN A 126 -3.89 -37.14 12.65
CA GLN A 126 -5.20 -37.73 12.44
C GLN A 126 -6.28 -36.88 13.09
N VAL A 127 -7.37 -36.67 12.36
CA VAL A 127 -8.57 -36.04 12.88
C VAL A 127 -9.73 -37.00 12.64
N THR A 128 -10.60 -37.16 13.63
CA THR A 128 -11.74 -38.05 13.53
C THR A 128 -12.94 -37.39 14.18
N VAL A 129 -14.11 -37.60 13.59
CA VAL A 129 -15.35 -37.00 14.09
C VAL A 129 -16.45 -38.05 14.12
N VAL B 8 -4.81 42.62 17.06
CA VAL B 8 -4.69 42.22 18.47
C VAL B 8 -5.52 40.96 18.69
N SER B 9 -6.83 41.05 18.47
CA SER B 9 -7.66 39.85 18.48
C SER B 9 -7.28 38.94 17.32
N SER B 10 -6.91 39.52 16.18
CA SER B 10 -6.43 38.72 15.06
C SER B 10 -5.23 37.87 15.46
N LEU B 11 -4.27 38.45 16.17
CA LEU B 11 -3.08 37.70 16.55
C LEU B 11 -3.44 36.45 17.34
N THR B 12 -4.30 36.60 18.35
CA THR B 12 -4.68 35.44 19.17
C THR B 12 -5.46 34.43 18.35
N MET B 13 -6.36 34.88 17.48
CA MET B 13 -7.04 33.98 16.56
C MET B 13 -6.02 33.26 15.68
N LEU B 14 -5.07 34.02 15.12
CA LEU B 14 -4.08 33.42 14.23
C LEU B 14 -3.19 32.42 14.98
N ASN B 15 -2.80 32.76 16.21
CA ASN B 15 -1.97 31.84 16.99
C ASN B 15 -2.71 30.54 17.29
N ASP B 16 -4.00 30.64 17.63
CA ASP B 16 -4.79 29.44 17.85
C ASP B 16 -4.95 28.65 16.56
N THR B 17 -5.26 29.33 15.45
CA THR B 17 -5.36 28.66 14.16
C THR B 17 -4.06 27.93 13.83
N LEU B 18 -2.92 28.54 14.15
CA LEU B 18 -1.63 27.92 13.83
C LEU B 18 -1.42 26.65 14.64
N HIS B 19 -1.73 26.67 15.94
CA HIS B 19 -1.60 25.45 16.74
C HIS B 19 -2.57 24.38 16.27
N ASN B 20 -3.78 24.79 15.88
CA ASN B 20 -4.73 23.84 15.29
C ASN B 20 -4.09 23.11 14.11
N ILE B 21 -3.39 23.85 13.25
CA ILE B 21 -2.73 23.24 12.10
C ILE B 21 -1.63 22.28 12.54
N ARG B 22 -0.94 22.61 13.63
CA ARG B 22 0.19 21.78 14.06
C ARG B 22 -0.29 20.41 14.52
N THR B 23 -1.30 20.36 15.39
CA THR B 23 -1.79 19.08 15.89
C THR B 23 -2.33 18.22 14.75
N THR B 24 -3.20 18.81 13.90
CA THR B 24 -3.71 18.08 12.75
C THR B 24 -2.58 17.52 11.91
N ASN B 25 -1.54 18.32 11.67
CA ASN B 25 -0.40 17.87 10.90
C ASN B 25 0.23 16.63 11.53
N GLN B 26 0.37 16.62 12.86
CA GLN B 26 0.97 15.48 13.53
C GLN B 26 0.09 14.23 13.39
N ALA B 27 -1.23 14.40 13.51
CA ALA B 27 -2.13 13.28 13.26
C ALA B 27 -1.93 12.73 11.85
N LEU B 28 -1.77 13.62 10.87
CA LEU B 28 -1.54 13.18 9.50
C LEU B 28 -0.26 12.36 9.39
N LYS B 29 0.80 12.77 10.08
CA LYS B 29 2.07 12.05 9.99
C LYS B 29 1.93 10.64 10.54
N LYS B 30 1.11 10.45 11.58
CA LYS B 30 0.89 9.10 12.10
C LYS B 30 0.21 8.22 11.05
N GLU B 31 -0.75 8.79 10.30
CA GLU B 31 -1.39 8.05 9.23
C GLU B 31 -0.39 7.62 8.16
N LEU B 32 0.64 8.42 7.92
CA LEU B 32 1.57 8.14 6.84
C LEU B 32 2.65 7.14 7.24
N SER B 33 3.00 7.08 8.53
CA SER B 33 3.99 6.11 8.97
C SER B 33 3.44 4.69 9.02
N GLN B 34 2.15 4.50 8.82
CA GLN B 34 1.57 3.17 8.86
C GLN B 34 2.10 2.32 7.71
N LYS B 35 2.32 1.04 7.98
CA LYS B 35 2.97 0.16 7.01
C LYS B 35 2.14 0.07 5.73
N THR B 36 0.85 -0.22 5.85
CA THR B 36 -0.02 -0.47 4.70
C THR B 36 -1.11 0.60 4.67
N LEU B 37 -1.17 1.36 3.58
CA LEU B 37 -2.21 2.37 3.40
C LEU B 37 -3.45 1.70 2.81
N THR B 38 -4.54 1.70 3.58
CA THR B 38 -5.81 1.13 3.14
C THR B 38 -6.75 2.22 2.68
N LYS B 39 -7.88 1.81 2.10
CA LYS B 39 -8.91 2.78 1.74
C LYS B 39 -9.30 3.63 2.94
N THR B 40 -9.43 3.00 4.12
CA THR B 40 -9.68 3.74 5.34
C THR B 40 -8.59 4.79 5.58
N SER B 41 -7.33 4.39 5.43
CA SER B 41 -6.23 5.32 5.65
C SER B 41 -6.32 6.52 4.73
N LEU B 42 -6.61 6.30 3.44
CA LEU B 42 -6.75 7.41 2.52
C LEU B 42 -7.88 8.34 2.93
N GLU B 43 -9.00 7.78 3.41
CA GLU B 43 -10.11 8.62 3.85
C GLU B 43 -9.68 9.54 4.99
N GLU B 44 -8.94 9.00 5.97
CA GLU B 44 -8.48 9.83 7.07
C GLU B 44 -7.50 10.89 6.58
N ILE B 45 -6.53 10.50 5.75
CA ILE B 45 -5.59 11.47 5.19
C ILE B 45 -6.33 12.59 4.49
N ALA B 46 -7.38 12.24 3.75
CA ALA B 46 -8.17 13.27 3.04
C ALA B 46 -8.79 14.24 4.02
N LEU B 47 -9.39 13.73 5.10
CA LEU B 47 -10.04 14.60 6.07
C LEU B 47 -9.04 15.55 6.71
N HIS B 48 -7.92 15.02 7.21
CA HIS B 48 -6.92 15.88 7.84
C HIS B 48 -6.47 16.99 6.88
N SER B 49 -6.30 16.66 5.61
CA SER B 49 -5.83 17.65 4.64
C SER B 49 -6.85 18.77 4.45
N SER B 50 -8.13 18.42 4.33
CA SER B 50 -9.16 19.43 4.19
C SER B 50 -9.26 20.29 5.45
N GLN B 51 -8.96 19.72 6.62
CA GLN B 51 -8.92 20.52 7.84
C GLN B 51 -7.76 21.51 7.82
N ILE B 52 -6.59 21.06 7.35
CA ILE B 52 -5.44 21.96 7.25
C ILE B 52 -5.76 23.11 6.29
N SER B 53 -6.36 22.80 5.15
CA SER B 53 -6.74 23.85 4.21
C SER B 53 -7.76 24.79 4.82
N MET B 54 -8.66 24.27 5.64
CA MET B 54 -9.63 25.13 6.32
C MET B 54 -8.93 26.18 7.17
N ASP B 55 -7.96 25.75 7.98
CA ASP B 55 -7.24 26.68 8.84
C ASP B 55 -6.25 27.53 8.06
N VAL B 56 -5.74 27.03 6.93
CA VAL B 56 -4.86 27.84 6.09
C VAL B 56 -5.62 29.05 5.56
N ASN B 57 -6.80 28.82 4.99
CA ASN B 57 -7.63 29.93 4.53
C ASN B 57 -7.95 30.89 5.67
N LYS B 58 -8.37 30.34 6.82
CA LYS B 58 -8.62 31.16 8.00
C LYS B 58 -7.38 32.00 8.32
N SER B 59 -6.20 31.38 8.30
CA SER B 59 -4.97 32.11 8.55
C SER B 59 -4.70 33.14 7.46
N ALA B 60 -4.93 32.77 6.20
CA ALA B 60 -4.65 33.68 5.09
C ALA B 60 -5.44 34.97 5.22
N GLN B 61 -6.63 34.92 5.83
CA GLN B 61 -7.46 36.11 5.97
C GLN B 61 -7.04 36.93 7.17
N LEU B 62 -6.62 36.28 8.26
CA LEU B 62 -6.11 37.01 9.41
C LEU B 62 -4.81 37.73 9.09
N LEU B 63 -3.97 37.12 8.23
CA LEU B 63 -2.70 37.75 7.88
C LEU B 63 -2.92 38.93 6.95
N ASP B 64 -3.86 38.83 6.02
CA ASP B 64 -4.19 39.97 5.19
C ASP B 64 -4.63 41.16 6.03
N ILE B 65 -5.38 40.89 7.10
CA ILE B 65 -5.77 41.95 8.04
C ILE B 65 -4.52 42.57 8.65
N LEU B 66 -3.66 41.75 9.25
CA LEU B 66 -2.43 42.26 9.85
C LEU B 66 -1.59 43.00 8.83
N SER B 67 -1.58 42.52 7.58
CA SER B 67 -0.74 43.13 6.55
C SER B 67 -1.20 44.54 6.23
N ARG B 68 -2.50 44.72 5.97
CA ARG B 68 -3.00 46.04 5.59
C ARG B 68 -3.09 46.99 6.77
N ASN B 69 -3.34 46.47 7.98
CA ASN B 69 -3.27 47.29 9.18
C ASN B 69 -1.83 47.66 9.52
N GLU B 70 -0.85 46.96 8.97
CA GLU B 70 0.56 47.20 9.24
C GLU B 70 0.89 46.95 10.72
N TYR B 71 0.33 45.89 11.29
CA TYR B 71 0.68 45.51 12.64
C TYR B 71 2.18 45.25 12.71
N PRO B 72 2.91 45.90 13.61
CA PRO B 72 4.37 45.73 13.62
C PRO B 72 4.81 44.41 14.25
N ILE B 73 5.77 43.78 13.60
CA ILE B 73 6.45 42.60 14.13
C ILE B 73 7.81 43.08 14.64
N ASN B 74 8.01 43.02 15.95
CA ASN B 74 9.19 43.62 16.56
C ASN B 74 10.45 42.83 16.23
N LYS B 75 11.56 43.57 16.15
CA LYS B 75 12.90 43.01 15.95
C LYS B 75 13.03 41.58 16.44
N ASP B 76 13.02 41.39 17.77
CA ASP B 76 13.17 40.05 18.34
C ASP B 76 12.28 39.03 17.64
N ALA B 77 11.01 39.38 17.43
CA ALA B 77 10.08 38.44 16.83
C ALA B 77 10.50 38.07 15.41
N ARG B 78 11.00 39.04 14.64
CA ARG B 78 11.40 38.75 13.26
C ARG B 78 12.58 37.79 13.22
N GLU B 79 13.54 37.94 14.13
CA GLU B 79 14.71 37.08 14.12
C GLU B 79 14.33 35.61 14.28
N LEU B 80 13.21 35.33 14.95
CA LEU B 80 12.77 33.95 15.07
C LEU B 80 12.52 33.31 13.72
N LEU B 81 12.15 34.11 12.70
CA LEU B 81 11.83 33.57 11.39
C LEU B 81 13.01 32.90 10.72
N HIS B 82 14.24 33.16 11.19
CA HIS B 82 15.40 32.50 10.61
C HIS B 82 15.39 31.00 10.85
N SER B 83 14.61 30.53 11.83
CA SER B 83 14.44 29.10 12.05
C SER B 83 13.42 28.49 11.11
N ALA B 84 12.72 29.30 10.31
CA ALA B 84 11.75 28.76 9.38
C ALA B 84 12.47 27.91 8.33
N PRO B 85 11.81 26.86 7.82
CA PRO B 85 12.47 26.02 6.81
C PRO B 85 12.79 26.82 5.55
N LYS B 86 13.91 26.46 4.92
CA LYS B 86 14.34 27.18 3.73
C LYS B 86 13.28 27.16 2.63
N GLU B 87 12.42 26.13 2.63
CA GLU B 87 11.40 26.02 1.59
C GLU B 87 10.39 27.16 1.66
N ALA B 88 10.16 27.71 2.85
CA ALA B 88 9.16 28.75 3.01
C ALA B 88 9.64 30.11 2.51
N GLU B 89 10.95 30.30 2.35
CA GLU B 89 11.51 31.54 1.85
C GLU B 89 11.00 32.70 2.72
N LEU B 90 11.31 32.52 3.98
CA LEU B 90 11.12 33.53 4.99
C LEU B 90 12.49 33.76 5.61
N ASP B 91 13.00 34.95 5.44
CA ASP B 91 14.11 35.47 6.19
C ASP B 91 13.52 36.59 7.06
N GLY B 92 14.23 37.05 8.09
CA GLY B 92 13.72 38.10 8.93
C GLY B 92 14.40 39.44 8.70
N ASP B 93 13.68 40.49 9.07
CA ASP B 93 14.26 41.80 9.36
C ASP B 93 14.73 42.55 8.10
N GLN B 94 16.01 42.37 7.73
CA GLN B 94 16.73 43.24 6.78
C GLN B 94 16.05 44.58 6.51
N MET B 95 14.94 44.59 5.77
CA MET B 95 14.41 45.90 5.37
C MET B 95 12.95 45.93 4.93
N ILE B 96 12.20 44.83 5.08
CA ILE B 96 10.87 44.75 4.49
C ILE B 96 9.83 45.20 5.50
N SER B 97 8.80 45.87 5.00
CA SER B 97 7.76 46.48 5.83
C SER B 97 7.00 45.42 6.62
N HIS B 98 6.22 45.90 7.59
CA HIS B 98 5.30 45.02 8.31
C HIS B 98 4.24 44.49 7.37
N ARG B 99 3.69 45.35 6.51
CA ARG B 99 2.70 44.91 5.53
C ARG B 99 3.23 43.74 4.70
N GLU B 100 4.45 43.86 4.18
CA GLU B 100 4.99 42.83 3.31
C GLU B 100 5.21 41.52 4.07
N LEU B 101 5.78 41.60 5.27
CA LEU B 101 6.10 40.38 6.01
C LEU B 101 4.85 39.58 6.31
N TRP B 102 3.80 40.24 6.81
CA TRP B 102 2.54 39.55 7.05
C TRP B 102 2.05 38.87 5.78
N ALA B 103 2.09 39.58 4.65
CA ALA B 103 1.71 38.97 3.38
C ALA B 103 2.68 37.86 3.01
N LYS B 104 3.97 38.07 3.24
CA LYS B 104 4.97 37.05 2.91
C LYS B 104 4.76 35.79 3.74
N ILE B 105 4.27 35.93 4.98
CA ILE B 105 3.99 34.77 5.81
C ILE B 105 2.77 34.02 5.28
N ALA B 106 1.73 34.77 4.87
CA ALA B 106 0.53 34.13 4.33
C ALA B 106 0.85 33.34 3.07
N ASN B 107 1.66 33.92 2.17
CA ASN B 107 2.03 33.21 0.96
C ASN B 107 2.81 31.93 1.29
N SER B 108 3.72 32.00 2.27
CA SER B 108 4.50 30.83 2.64
C SER B 108 3.59 29.69 3.10
N ILE B 109 2.63 29.99 3.98
CA ILE B 109 1.69 28.97 4.42
C ILE B 109 0.95 28.39 3.22
N ASN B 110 0.39 29.25 2.38
CA ASN B 110 -0.42 28.78 1.27
C ASN B 110 0.42 28.02 0.25
N ASP B 111 1.62 28.52 -0.06
CA ASP B 111 2.46 27.87 -1.06
C ASP B 111 2.89 26.47 -0.60
N ILE B 112 3.35 26.35 0.64
CA ILE B 112 3.72 25.04 1.16
C ILE B 112 2.54 24.09 1.12
N ASN B 113 1.35 24.57 1.48
CA ASN B 113 0.18 23.71 1.50
C ASN B 113 -0.26 23.35 0.08
N GLU B 114 -0.14 24.29 -0.86
CA GLU B 114 -0.61 24.06 -2.22
C GLU B 114 0.40 23.25 -3.04
N GLN B 115 1.68 23.61 -2.96
CA GLN B 115 2.68 23.03 -3.84
C GLN B 115 3.34 21.77 -3.26
N TYR B 116 3.37 21.62 -1.95
CA TYR B 116 3.98 20.45 -1.30
C TYR B 116 2.89 19.51 -0.78
N LEU B 117 2.15 19.92 0.26
CA LEU B 117 1.16 19.06 0.89
C LEU B 117 0.15 18.51 -0.12
N LYS B 118 -0.68 19.38 -0.68
CA LYS B 118 -1.75 18.92 -1.57
C LYS B 118 -1.19 18.12 -2.73
N VAL B 119 -0.03 18.50 -3.26
CA VAL B 119 0.54 17.81 -4.42
C VAL B 119 0.83 16.35 -4.08
N TYR B 120 1.63 16.13 -3.04
CA TYR B 120 2.01 14.77 -2.68
C TYR B 120 0.87 14.01 -2.00
N GLU B 121 -0.12 14.72 -1.43
CA GLU B 121 -1.30 14.04 -0.93
C GLU B 121 -2.12 13.45 -2.07
N HIS B 122 -2.14 14.12 -3.22
CA HIS B 122 -2.83 13.57 -4.39
C HIS B 122 -2.01 12.44 -5.03
N ALA B 123 -0.71 12.65 -5.20
CA ALA B 123 0.15 11.62 -5.76
C ALA B 123 0.04 10.32 -4.97
N VAL B 124 0.17 10.41 -3.64
CA VAL B 124 0.05 9.22 -2.80
C VAL B 124 -1.34 8.61 -2.97
N SER B 125 -2.38 9.44 -3.00
CA SER B 125 -3.73 8.93 -3.18
C SER B 125 -3.88 8.18 -4.50
N SER B 126 -3.41 8.80 -5.59
CA SER B 126 -3.52 8.16 -6.89
C SER B 126 -2.79 6.83 -6.92
N TYR B 127 -1.51 6.83 -6.53
CA TYR B 127 -0.72 5.61 -6.61
C TYR B 127 -1.22 4.56 -5.63
N THR B 128 -1.73 4.97 -4.47
CA THR B 128 -2.26 4.01 -3.51
C THR B 128 -3.49 3.31 -4.07
N GLN B 129 -4.45 4.08 -4.60
CA GLN B 129 -5.64 3.48 -5.20
C GLN B 129 -5.26 2.50 -6.30
N MET B 130 -4.31 2.89 -7.15
CA MET B 130 -3.85 1.98 -8.20
C MET B 130 -3.23 0.72 -7.61
N TYR B 131 -2.34 0.87 -6.64
CA TYR B 131 -1.67 -0.29 -6.07
C TYR B 131 -2.67 -1.20 -5.37
N GLN B 132 -3.68 -0.62 -4.72
CA GLN B 132 -4.70 -1.44 -4.07
C GLN B 132 -5.44 -2.29 -5.10
N ASP B 133 -5.81 -1.71 -6.23
CA ASP B 133 -6.43 -2.49 -7.29
C ASP B 133 -5.44 -3.50 -7.87
N PHE B 134 -4.17 -3.12 -7.98
CA PHE B 134 -3.16 -4.06 -8.46
C PHE B 134 -3.00 -5.22 -7.49
N SER B 135 -2.89 -4.92 -6.19
CA SER B 135 -2.76 -5.99 -5.20
C SER B 135 -3.99 -6.88 -5.20
N ALA B 136 -5.16 -6.32 -5.51
CA ALA B 136 -6.37 -7.14 -5.56
C ALA B 136 -6.28 -8.17 -6.68
N VAL B 137 -5.69 -7.80 -7.82
CA VAL B 137 -5.53 -8.75 -8.91
C VAL B 137 -4.61 -9.89 -8.47
N LEU B 138 -3.49 -9.56 -7.82
CA LEU B 138 -2.56 -10.58 -7.37
C LEU B 138 -3.19 -11.50 -6.33
N SER B 139 -4.11 -10.98 -5.51
CA SER B 139 -4.78 -11.82 -4.53
C SER B 139 -5.66 -12.87 -5.21
N SER B 140 -6.21 -12.55 -6.38
CA SER B 140 -7.07 -13.45 -7.13
C SER B 140 -6.31 -14.33 -8.11
N LEU B 141 -4.98 -14.41 -7.98
CA LEU B 141 -4.18 -15.06 -9.00
C LEU B 141 -4.44 -16.57 -9.04
N ALA B 142 -4.75 -17.18 -7.90
CA ALA B 142 -5.01 -18.62 -7.88
C ALA B 142 -6.24 -18.98 -8.68
N GLY B 143 -7.19 -18.06 -8.80
CA GLY B 143 -8.39 -18.34 -9.57
C GLY B 143 -8.10 -18.62 -11.03
N TRP B 144 -6.99 -18.12 -11.55
CA TRP B 144 -6.60 -18.33 -12.94
C TRP B 144 -5.60 -19.48 -13.12
N ILE B 145 -5.28 -20.21 -12.05
CA ILE B 145 -4.29 -21.28 -12.10
C ILE B 145 -4.99 -22.59 -11.72
N SER B 146 -4.70 -23.63 -12.50
CA SER B 146 -5.33 -24.94 -12.37
C SER B 146 -4.26 -26.02 -12.38
N PRO B 147 -4.57 -27.21 -11.87
CA PRO B 147 -3.55 -28.28 -11.84
C PRO B 147 -2.88 -28.56 -13.17
N GLY B 148 -3.65 -28.80 -14.24
CA GLY B 148 -3.07 -29.06 -15.54
C GLY B 148 -2.62 -30.50 -15.72
N GLY B 149 -1.43 -30.67 -16.28
CA GLY B 149 -0.88 -32.00 -16.56
C GLY B 149 -1.12 -33.01 -15.46
N ASN B 150 -1.44 -34.25 -15.85
CA ASN B 150 -1.85 -35.30 -14.91
C ASN B 150 -0.70 -35.83 -14.06
N ASP B 151 0.52 -35.29 -14.09
CA ASP B 151 1.61 -35.82 -13.29
C ASP B 151 1.94 -34.95 -12.07
N GLY B 152 1.36 -33.76 -11.97
CA GLY B 152 1.63 -32.88 -10.85
C GLY B 152 2.83 -31.97 -11.05
N ASN B 153 3.44 -31.97 -12.23
CA ASN B 153 4.58 -31.12 -12.53
C ASN B 153 4.21 -29.92 -13.39
N SER B 154 2.92 -29.71 -13.65
CA SER B 154 2.47 -28.64 -14.52
C SER B 154 1.36 -27.86 -13.82
N VAL B 155 1.08 -26.67 -14.36
CA VAL B 155 -0.06 -25.87 -13.96
C VAL B 155 -0.61 -25.17 -15.19
N LYS B 156 -1.92 -24.98 -15.21
CA LYS B 156 -2.62 -24.37 -16.33
C LYS B 156 -3.02 -22.95 -15.96
N LEU B 157 -2.64 -22.00 -16.82
CA LEU B 157 -2.82 -20.58 -16.55
C LEU B 157 -3.84 -20.00 -17.52
N GLN B 158 -4.86 -19.33 -16.98
CA GLN B 158 -5.83 -18.59 -17.79
C GLN B 158 -5.18 -17.28 -18.23
N VAL B 159 -4.29 -17.38 -19.22
CA VAL B 159 -3.48 -16.24 -19.62
C VAL B 159 -4.35 -15.10 -20.12
N ASN B 160 -5.37 -15.40 -20.91
CA ASN B 160 -6.16 -14.32 -21.51
C ASN B 160 -7.00 -13.61 -20.45
N SER B 161 -7.62 -14.36 -19.54
CA SER B 161 -8.36 -13.73 -18.45
C SER B 161 -7.44 -12.84 -17.61
N LEU B 162 -6.30 -13.39 -17.19
CA LEU B 162 -5.35 -12.60 -16.41
C LEU B 162 -4.83 -11.42 -17.21
N LYS B 163 -4.66 -11.61 -18.53
CA LYS B 163 -4.22 -10.52 -19.39
C LYS B 163 -5.24 -9.38 -19.39
N LYS B 164 -6.51 -9.72 -19.65
CA LYS B 164 -7.55 -8.70 -19.66
C LYS B 164 -7.65 -8.00 -18.31
N ALA B 165 -7.51 -8.74 -17.21
CA ALA B 165 -7.58 -8.13 -15.89
C ALA B 165 -6.51 -7.07 -15.70
N LEU B 166 -5.28 -7.36 -16.14
CA LEU B 166 -4.21 -6.39 -16.02
C LEU B 166 -4.38 -5.23 -17.00
N GLU B 167 -5.01 -5.48 -18.15
CA GLU B 167 -5.15 -4.44 -19.16
C GLU B 167 -6.22 -3.42 -18.79
N GLU B 168 -7.29 -3.84 -18.12
CA GLU B 168 -8.26 -2.87 -17.63
C GLU B 168 -7.72 -2.11 -16.41
N LEU B 169 -6.84 -2.75 -15.63
CA LEU B 169 -6.12 -2.02 -14.60
C LEU B 169 -5.31 -0.89 -15.22
N LYS B 170 -4.55 -1.20 -16.28
CA LYS B 170 -3.79 -0.17 -16.98
C LYS B 170 -4.72 0.90 -17.54
N GLU B 171 -5.80 0.48 -18.22
CA GLU B 171 -6.75 1.42 -18.78
C GLU B 171 -7.32 2.35 -17.71
N LYS B 172 -7.49 1.86 -16.49
CA LYS B 172 -8.15 2.65 -15.45
C LYS B 172 -7.24 3.78 -14.96
N TYR B 173 -5.94 3.52 -14.85
CA TYR B 173 -4.99 4.51 -14.34
C TYR B 173 -4.05 5.03 -15.41
N LYS B 174 -4.18 4.57 -16.64
CA LYS B 174 -3.43 5.09 -17.78
C LYS B 174 -3.41 6.61 -17.81
N ASP B 175 -4.51 7.25 -17.40
CA ASP B 175 -4.64 8.70 -17.47
C ASP B 175 -4.49 9.38 -16.12
N LYS B 176 -4.85 8.71 -15.03
CA LYS B 176 -4.86 9.33 -13.71
C LYS B 176 -3.50 9.97 -13.41
N PRO B 177 -3.41 11.31 -13.40
CA PRO B 177 -2.11 11.95 -13.23
C PRO B 177 -1.61 11.92 -11.80
N LEU B 178 -0.29 11.97 -11.67
CA LEU B 178 0.33 12.18 -10.35
C LEU B 178 0.40 13.66 -10.02
N TYR B 179 0.86 14.48 -10.97
CA TYR B 179 0.98 15.91 -10.78
C TYR B 179 0.80 16.61 -12.11
N PRO B 180 0.01 17.70 -12.17
CA PRO B 180 -0.86 18.21 -11.10
C PRO B 180 -2.18 17.46 -11.09
N ALA B 181 -2.95 17.60 -10.00
CA ALA B 181 -4.16 16.82 -9.85
C ALA B 181 -5.16 17.07 -10.98
N ASN B 182 -5.19 18.28 -11.53
CA ASN B 182 -6.18 18.62 -12.55
C ASN B 182 -5.56 19.38 -13.73
N ASN B 183 -4.86 20.47 -13.45
CA ASN B 183 -4.47 21.42 -14.49
C ASN B 183 -3.41 20.80 -15.41
N THR B 184 -2.97 21.61 -16.37
CA THR B 184 -1.85 21.26 -17.23
C THR B 184 -0.59 21.97 -16.73
N VAL B 185 0.53 21.69 -17.39
CA VAL B 185 1.83 22.23 -17.00
C VAL B 185 2.70 22.26 -18.26
N SER B 186 3.65 23.19 -18.28
CA SER B 186 4.58 23.28 -19.38
C SER B 186 5.48 22.05 -19.40
N GLN B 187 5.96 21.70 -20.60
CA GLN B 187 6.87 20.57 -20.74
C GLN B 187 8.04 20.67 -19.77
N GLU B 188 8.66 21.85 -19.70
CA GLU B 188 9.84 22.02 -18.86
C GLU B 188 9.51 21.81 -17.39
N GLN B 189 8.32 22.20 -16.96
CA GLN B 189 7.96 22.09 -15.55
C GLN B 189 7.51 20.67 -15.20
N ALA B 190 6.75 20.02 -16.09
CA ALA B 190 6.36 18.64 -15.84
C ALA B 190 7.59 17.74 -15.76
N ASN B 191 8.58 17.98 -16.61
CA ASN B 191 9.84 17.25 -16.51
C ASN B 191 10.57 17.58 -15.21
N LYS B 192 10.52 18.86 -14.80
CA LYS B 192 11.21 19.26 -13.58
C LYS B 192 10.58 18.66 -12.34
N TRP B 193 9.26 18.44 -12.35
CA TRP B 193 8.62 17.76 -11.23
C TRP B 193 8.93 16.28 -11.25
N LEU B 194 8.98 15.68 -12.45
CA LEU B 194 9.34 14.27 -12.55
C LEU B 194 10.80 14.05 -12.19
N THR B 195 11.69 14.93 -12.66
CA THR B 195 13.12 14.74 -12.40
C THR B 195 13.42 14.83 -10.91
N GLU B 196 12.62 15.60 -10.17
CA GLU B 196 12.78 15.72 -8.72
C GLU B 196 12.01 14.65 -7.96
N LEU B 197 11.26 13.79 -8.65
CA LEU B 197 10.53 12.71 -7.99
C LEU B 197 11.35 11.42 -7.93
N GLY B 198 11.85 10.96 -9.08
CA GLY B 198 12.64 9.75 -9.12
C GLY B 198 12.62 9.04 -10.46
N GLY B 199 12.16 9.73 -11.50
CA GLY B 199 12.20 9.19 -12.85
C GLY B 199 11.26 8.02 -13.09
N THR B 200 11.32 6.99 -12.24
CA THR B 200 10.61 5.75 -12.51
C THR B 200 9.12 5.85 -12.20
N ILE B 201 8.75 6.55 -11.13
CA ILE B 201 7.36 6.52 -10.66
C ILE B 201 6.43 7.10 -11.72
N GLY B 202 6.83 8.22 -12.34
CA GLY B 202 5.97 8.93 -13.26
C GLY B 202 6.56 9.02 -14.66
N LYS B 203 5.70 9.46 -15.58
CA LYS B 203 6.07 9.69 -16.98
C LYS B 203 5.39 10.96 -17.45
N VAL B 204 6.13 11.78 -18.19
CA VAL B 204 5.57 12.99 -18.77
C VAL B 204 4.73 12.62 -19.99
N SER B 205 3.56 13.23 -20.11
CA SER B 205 2.66 12.96 -21.22
C SER B 205 1.87 14.23 -21.53
N GLN B 206 1.67 14.48 -22.83
CA GLN B 206 1.00 15.70 -23.28
C GLN B 206 -0.50 15.51 -23.18
N LYS B 207 -1.13 16.23 -22.25
CA LYS B 207 -2.59 16.21 -22.10
C LYS B 207 -3.15 17.46 -22.79
N ASN B 208 -3.28 17.36 -24.11
CA ASN B 208 -3.84 18.44 -24.94
C ASN B 208 -2.91 19.64 -24.82
N GLY B 209 -3.40 20.85 -24.60
CA GLY B 209 -2.56 22.02 -24.50
C GLY B 209 -1.81 22.09 -23.19
N GLY B 210 -0.74 21.31 -23.08
CA GLY B 210 0.09 21.29 -21.89
C GLY B 210 0.53 19.88 -21.58
N TYR B 211 1.15 19.72 -20.41
CA TYR B 211 1.77 18.47 -20.03
C TYR B 211 1.32 18.05 -18.64
N VAL B 212 1.70 16.83 -18.27
CA VAL B 212 1.23 16.20 -17.05
C VAL B 212 2.22 15.09 -16.69
N VAL B 213 2.38 14.85 -15.40
CA VAL B 213 3.19 13.74 -14.90
C VAL B 213 2.21 12.63 -14.53
N SER B 214 2.12 11.60 -15.38
CA SER B 214 1.19 10.51 -15.19
C SER B 214 1.90 9.28 -14.62
N ILE B 215 1.09 8.34 -14.12
CA ILE B 215 1.64 7.13 -13.54
C ILE B 215 2.44 6.37 -14.60
N ASN B 216 3.62 5.91 -14.22
CA ASN B 216 4.45 5.11 -15.11
C ASN B 216 3.91 3.69 -15.10
N MET B 217 3.40 3.23 -16.25
CA MET B 217 2.77 1.92 -16.36
C MET B 217 3.76 0.82 -16.73
N THR B 218 5.05 1.12 -16.79
CA THR B 218 6.03 0.10 -17.18
C THR B 218 5.93 -1.17 -16.34
N PRO B 219 5.79 -1.12 -15.01
CA PRO B 219 5.65 -2.38 -14.26
C PRO B 219 4.50 -3.24 -14.76
N ILE B 220 3.35 -2.65 -15.05
CA ILE B 220 2.21 -3.42 -15.54
C ILE B 220 2.40 -3.80 -17.00
N ASP B 221 3.08 -2.97 -17.78
CA ASP B 221 3.42 -3.35 -19.15
C ASP B 221 4.40 -4.52 -19.15
N ASN B 222 5.34 -4.55 -18.20
CA ASN B 222 6.27 -5.68 -18.11
C ASN B 222 5.54 -6.98 -17.82
N MET B 223 4.55 -6.94 -16.93
CA MET B 223 3.79 -8.14 -16.63
C MET B 223 2.98 -8.59 -17.84
N LEU B 224 2.33 -7.66 -18.52
CA LEU B 224 1.57 -8.01 -19.72
C LEU B 224 2.46 -8.62 -20.79
N LYS B 225 3.71 -8.16 -20.88
CA LYS B 225 4.63 -8.73 -21.87
C LYS B 225 5.11 -10.11 -21.46
N SER B 226 5.24 -10.37 -20.15
CA SER B 226 5.56 -11.72 -19.71
C SER B 226 4.45 -12.69 -20.08
N LEU B 227 3.19 -12.23 -20.00
CA LEU B 227 2.06 -13.07 -20.39
C LEU B 227 2.03 -13.28 -21.90
N ASP B 228 2.29 -12.23 -22.68
CA ASP B 228 2.33 -12.38 -24.13
C ASP B 228 3.38 -13.39 -24.54
N ASN B 229 4.53 -13.39 -23.87
CA ASN B 229 5.61 -14.30 -24.21
C ASN B 229 5.32 -15.74 -23.81
N LEU B 230 4.23 -15.99 -23.08
CA LEU B 230 3.83 -17.36 -22.76
C LEU B 230 3.11 -18.03 -23.91
N GLY B 231 2.61 -17.26 -24.87
CA GLY B 231 1.94 -17.84 -26.02
C GLY B 231 0.58 -18.40 -25.65
N GLY B 232 0.28 -19.58 -26.17
CA GLY B 232 -1.02 -20.20 -25.94
C GLY B 232 -2.12 -19.44 -26.65
N ASN B 233 -3.36 -19.92 -26.43
CA ASN B 233 -4.55 -19.32 -27.02
C ASN B 233 -5.65 -19.32 -25.95
N GLY B 234 -5.42 -18.57 -24.88
CA GLY B 234 -6.34 -18.52 -23.76
C GLY B 234 -5.80 -19.23 -22.54
N GLU B 235 -5.39 -20.48 -22.72
CA GLU B 235 -4.80 -21.28 -21.65
C GLU B 235 -3.44 -21.79 -22.10
N VAL B 236 -2.50 -21.86 -21.17
CA VAL B 236 -1.16 -22.37 -21.44
C VAL B 236 -0.73 -23.23 -20.27
N VAL B 237 -0.09 -24.36 -20.58
CA VAL B 237 0.41 -25.27 -19.57
C VAL B 237 1.87 -24.93 -19.29
N LEU B 238 2.19 -24.64 -18.03
CA LEU B 238 3.55 -24.35 -17.60
C LEU B 238 4.01 -25.43 -16.64
N ASP B 239 5.21 -25.94 -16.86
CA ASP B 239 5.82 -26.79 -15.85
C ASP B 239 6.20 -25.93 -14.64
N ASN B 240 6.30 -26.58 -13.49
CA ASN B 240 6.47 -25.84 -12.24
C ASN B 240 7.68 -24.92 -12.29
N ALA B 241 8.77 -25.36 -12.94
CA ALA B 241 9.96 -24.52 -13.02
C ALA B 241 9.68 -23.25 -13.81
N LYS B 242 8.90 -23.35 -14.89
CA LYS B 242 8.54 -22.17 -15.67
C LYS B 242 7.53 -21.30 -14.93
N TYR B 243 6.59 -21.93 -14.21
CA TYR B 243 5.68 -21.17 -13.37
C TYR B 243 6.45 -20.36 -12.33
N GLN B 244 7.46 -20.98 -11.71
CA GLN B 244 8.27 -20.27 -10.72
C GLN B 244 8.96 -19.06 -11.34
N ALA B 245 9.56 -19.24 -12.52
CA ALA B 245 10.23 -18.13 -13.18
C ALA B 245 9.26 -17.00 -13.49
N TRP B 246 8.12 -17.34 -14.10
CA TRP B 246 7.11 -16.34 -14.41
C TRP B 246 6.60 -15.68 -13.14
N ASN B 247 6.26 -16.48 -12.13
CA ASN B 247 5.72 -15.92 -10.89
C ASN B 247 6.72 -14.96 -10.24
N ALA B 248 8.02 -15.25 -10.35
CA ALA B 248 9.03 -14.35 -9.80
C ALA B 248 8.96 -12.99 -10.47
N GLY B 249 8.80 -12.95 -11.79
CA GLY B 249 8.68 -11.67 -12.47
C GLY B 249 7.50 -10.86 -11.98
N PHE B 250 6.36 -11.52 -11.76
CA PHE B 250 5.19 -10.81 -11.26
C PHE B 250 5.45 -10.21 -9.87
N SER B 251 6.04 -11.00 -8.97
CA SER B 251 6.30 -10.49 -7.62
C SER B 251 7.37 -9.41 -7.64
N ALA B 252 8.27 -9.44 -8.63
CA ALA B 252 9.28 -8.38 -8.74
C ALA B 252 8.64 -7.04 -9.03
N GLU B 253 7.61 -7.01 -9.89
CA GLU B 253 6.95 -5.75 -10.22
C GLU B 253 6.09 -5.27 -9.06
N ASP B 254 5.57 -6.19 -8.25
CA ASP B 254 4.89 -5.78 -7.03
C ASP B 254 5.84 -5.04 -6.09
N GLU B 255 7.07 -5.55 -5.93
CA GLU B 255 8.06 -4.84 -5.13
C GLU B 255 8.38 -3.48 -5.71
N THR B 256 8.49 -3.40 -7.04
CA THR B 256 8.72 -2.10 -7.69
C THR B 256 7.65 -1.09 -7.31
N MET B 257 6.38 -1.45 -7.50
CA MET B 257 5.30 -0.51 -7.22
C MET B 257 5.18 -0.24 -5.73
N LYS B 258 5.37 -1.25 -4.89
CA LYS B 258 5.46 -1.01 -3.46
C LYS B 258 6.55 -0.01 -3.14
N ASN B 259 7.71 -0.13 -3.81
CA ASN B 259 8.80 0.81 -3.59
C ASN B 259 8.41 2.20 -4.05
N ASN B 260 7.84 2.31 -5.27
CA ASN B 260 7.40 3.61 -5.77
C ASN B 260 6.44 4.27 -4.80
N LEU B 261 5.49 3.50 -4.24
CA LEU B 261 4.54 4.07 -3.30
C LEU B 261 5.23 4.58 -2.05
N GLN B 262 6.19 3.81 -1.52
CA GLN B 262 6.93 4.26 -0.34
C GLN B 262 7.67 5.56 -0.62
N THR B 263 8.18 5.73 -1.84
CA THR B 263 8.87 6.96 -2.21
C THR B 263 7.91 8.14 -2.19
N LEU B 264 6.72 7.98 -2.78
CA LEU B 264 5.73 9.05 -2.77
C LEU B 264 5.33 9.39 -1.34
N VAL B 265 5.12 8.38 -0.49
CA VAL B 265 4.74 8.64 0.89
C VAL B 265 5.87 9.34 1.64
N GLN B 266 7.12 9.10 1.24
CA GLN B 266 8.24 9.81 1.85
C GLN B 266 8.26 11.27 1.43
N LYS B 267 8.02 11.54 0.14
CA LYS B 267 7.89 12.92 -0.31
C LYS B 267 6.76 13.63 0.43
N TYR B 268 5.63 12.94 0.61
CA TYR B 268 4.53 13.51 1.38
C TYR B 268 4.95 13.73 2.82
N SER B 269 5.61 12.74 3.43
CA SER B 269 6.08 12.87 4.80
C SER B 269 7.05 14.03 4.93
N ASN B 270 8.01 14.13 4.02
CA ASN B 270 8.95 15.25 4.05
C ASN B 270 8.22 16.58 4.01
N ALA B 271 7.14 16.66 3.22
CA ALA B 271 6.37 17.90 3.16
C ALA B 271 5.76 18.24 4.51
N ASN B 272 5.21 17.26 5.21
CA ASN B 272 4.69 17.50 6.56
C ASN B 272 5.76 18.09 7.46
N SER B 273 6.98 17.56 7.39
CA SER B 273 8.07 18.08 8.22
C SER B 273 8.34 19.55 7.89
N ILE B 274 8.37 19.90 6.60
CA ILE B 274 8.52 21.30 6.21
C ILE B 274 7.42 22.13 6.86
N PHE B 275 6.16 21.72 6.66
CA PHE B 275 5.04 22.49 7.16
C PHE B 275 5.05 22.58 8.68
N ASP B 276 5.33 21.46 9.36
CA ASP B 276 5.40 21.46 10.81
C ASP B 276 6.43 22.48 11.30
N ASN B 277 7.63 22.44 10.72
CA ASN B 277 8.68 23.38 11.10
C ASN B 277 8.23 24.83 10.93
N LEU B 278 7.56 25.13 9.82
CA LEU B 278 7.10 26.49 9.58
C LEU B 278 6.06 26.92 10.60
N VAL B 279 4.99 26.12 10.75
CA VAL B 279 3.91 26.48 11.66
C VAL B 279 4.46 26.71 13.07
N LYS B 280 5.35 25.84 13.53
CA LYS B 280 5.96 26.03 14.85
C LYS B 280 6.68 27.37 14.94
N VAL B 281 7.53 27.65 13.95
CA VAL B 281 8.27 28.92 13.95
C VAL B 281 7.30 30.09 13.93
N LEU B 282 6.22 29.98 13.15
CA LEU B 282 5.26 31.06 13.08
C LEU B 282 4.55 31.27 14.41
N SER B 283 4.22 30.19 15.11
CA SER B 283 3.65 30.31 16.44
C SER B 283 4.59 31.08 17.36
N SER B 284 5.88 30.74 17.34
CA SER B 284 6.85 31.46 18.15
C SER B 284 6.89 32.94 17.79
N THR B 285 6.88 33.24 16.49
CA THR B 285 6.92 34.64 16.06
C THR B 285 5.65 35.38 16.48
N ILE B 286 4.49 34.76 16.28
CA ILE B 286 3.23 35.38 16.68
C ILE B 286 3.23 35.62 18.19
N SER B 287 3.62 34.63 18.97
CA SER B 287 3.63 34.75 20.42
C SER B 287 4.52 35.90 20.90
N SER B 288 5.50 36.29 20.09
CA SER B 288 6.45 37.35 20.48
C SER B 288 6.02 38.72 20.00
N SER B 289 4.80 38.87 19.50
CA SER B 289 4.32 40.16 19.02
C SER B 289 3.23 40.72 19.93
#